data_7WRJ
#
_entry.id   7WRJ
#
_cell.length_a   1.00
_cell.length_b   1.00
_cell.length_c   1.00
_cell.angle_alpha   90.00
_cell.angle_beta   90.00
_cell.angle_gamma   90.00
#
_symmetry.space_group_name_H-M   'P 1'
#
loop_
_entity.id
_entity.type
_entity.pdbx_description
1 polymer 'Spike protein S1'
2 polymer BD55-4637H
3 polymer BD55-4637L
4 branched 2-acetamido-2-deoxy-beta-D-glucopyranose-(1-4)-2-acetamido-2-deoxy-beta-D-glucopyranose
#
loop_
_entity_poly.entity_id
_entity_poly.type
_entity_poly.pdbx_seq_one_letter_code
_entity_poly.pdbx_strand_id
1 'polypeptide(L)'
;NLCPFDEVFNATRFASVYAWNRKRISNCVADYSVLYNLAPFFTFKCYGVSPTKLNDLCFTNVYADSFVIRGDEVRQIAPG
QTGNIADYNYKLPDDFTGCVIAWNSNKLDSKVSGNYNYLYRLFRKSNLKPFERDISTEIYQAGNKPCNGVAGFNCYFPLR
SYSFRPTYGVGHQPYRVVVLSFELLHAPATVCG
;
R
2 'polypeptide(L)'
;MGWSLILLFLVAVATRVLSQITLKESGPTLVKPKQTLTLTCTFSGFSLKKNGVGVGWIRQPPGKALEWLALIYWDDSKRY
NPSLKTRLTITGDTSKNQVVLTLTNVDPVDTATYFCAHRPDLDSDLIVVDAFDMWGQGTMVTVSSASTKGPSVFPLAPSS
KSTSGGTAALGCLVKDYFPEPVTVSWNSGALTSGVHTFPAVLQSSGLYSLSSVVTVPSSSLGTQTYICNVNHKPSNTKVD
KKVEPKSCDKTHHHHHH
;
A
3 'polypeptide(L)'
;MGWSCIILFLVATATGVHSQSVLTQPPSASGTPGQRVTISCSGSSSNIGRNTVNWYQHLPGTVPKLLIYHNNHRPSGVPG
RFSGSKSGTSASLAISGLQSEDEADYYCETWDDSLSGVVFGAGTRLTVLGQPKAAPSVTLFPPSSEELQANKATLVCLIS
DFYPGAVTVAWKADSSPVKAGVETTTPSKQSNNKYAASSYLSLTPEQWKSHRSYSCQVTHEGSTVEKTVAPTECS
;
B
#
# COMPACT_ATOMS: atom_id res chain seq x y z
N ASN A 1 -7.99 28.45 -22.47
CA ASN A 1 -6.84 28.07 -23.27
C ASN A 1 -6.29 26.65 -23.03
N LEU A 2 -6.47 26.10 -21.82
CA LEU A 2 -6.24 24.67 -21.54
C LEU A 2 -4.82 24.17 -21.72
N CYS A 3 -3.90 24.50 -20.79
CA CYS A 3 -2.57 23.91 -20.80
C CYS A 3 -2.65 22.39 -20.67
N PRO A 4 -1.71 21.65 -21.24
CA PRO A 4 -1.80 20.19 -21.18
C PRO A 4 -1.51 19.60 -19.82
N PHE A 5 -2.57 19.24 -19.13
CA PHE A 5 -2.52 18.27 -18.07
C PHE A 5 -3.22 16.99 -18.47
N ASP A 6 -3.93 17.04 -19.59
CA ASP A 6 -4.54 15.85 -20.15
C ASP A 6 -3.52 14.95 -20.85
N GLU A 7 -2.25 15.33 -20.91
CA GLU A 7 -1.23 14.34 -21.22
C GLU A 7 -0.26 14.09 -20.10
N VAL A 8 -0.21 14.95 -19.07
CA VAL A 8 0.67 14.60 -17.96
C VAL A 8 0.00 13.56 -17.07
N PHE A 9 -1.31 13.37 -17.22
CA PHE A 9 -2.01 12.35 -16.45
C PHE A 9 -2.65 11.27 -17.31
N ASN A 10 -2.58 11.38 -18.63
CA ASN A 10 -3.19 10.35 -19.48
C ASN A 10 -2.22 9.75 -20.48
N ALA A 11 -0.93 10.02 -20.36
CA ALA A 11 0.02 9.45 -21.31
C ALA A 11 0.17 7.96 -21.08
N THR A 12 0.29 7.22 -22.18
CA THR A 12 0.36 5.77 -22.09
C THR A 12 1.65 5.32 -21.43
N ARG A 13 2.75 6.01 -21.72
CA ARG A 13 4.05 5.56 -21.29
C ARG A 13 4.81 6.70 -20.63
N PHE A 14 5.35 6.44 -19.44
CA PHE A 14 6.42 7.27 -18.92
C PHE A 14 7.73 6.50 -18.92
N ALA A 15 8.75 7.15 -18.40
CA ALA A 15 10.07 6.60 -18.22
C ALA A 15 10.34 6.45 -16.74
N SER A 16 11.57 6.09 -16.41
CA SER A 16 11.89 5.58 -15.10
C SER A 16 12.17 6.72 -14.13
N VAL A 17 12.69 6.36 -12.95
CA VAL A 17 13.05 7.34 -11.94
C VAL A 17 14.40 8.00 -12.26
N TYR A 18 15.27 7.35 -13.02
CA TYR A 18 16.50 8.00 -13.41
C TYR A 18 16.31 8.93 -14.59
N ALA A 19 15.16 8.85 -15.26
CA ALA A 19 14.88 9.61 -16.46
C ALA A 19 13.58 10.34 -16.30
N TRP A 20 13.44 11.05 -15.19
CA TRP A 20 12.17 11.70 -14.86
C TRP A 20 11.90 12.85 -15.82
N ASN A 21 10.80 12.73 -16.55
CA ASN A 21 10.50 13.65 -17.62
C ASN A 21 9.86 14.92 -17.08
N ARG A 22 10.29 16.04 -17.62
CA ARG A 22 9.83 17.37 -17.23
C ARG A 22 8.72 17.82 -18.18
N LYS A 23 7.80 18.65 -17.68
CA LYS A 23 6.93 19.44 -18.54
C LYS A 23 6.95 20.89 -18.09
N ARG A 24 7.32 21.78 -19.01
CA ARG A 24 7.51 23.20 -18.72
C ARG A 24 6.24 23.93 -19.13
N ILE A 25 5.42 24.29 -18.15
CA ILE A 25 4.12 24.89 -18.41
C ILE A 25 4.21 26.41 -18.23
N SER A 26 3.80 27.14 -19.26
CA SER A 26 3.81 28.60 -19.25
C SER A 26 2.83 29.09 -20.30
N ASN A 27 2.61 30.42 -20.29
CA ASN A 27 1.95 31.15 -21.38
C ASN A 27 0.53 30.68 -21.65
N CYS A 28 -0.19 30.31 -20.58
CA CYS A 28 -1.40 29.51 -20.76
C CYS A 28 -2.18 29.45 -19.46
N VAL A 29 -3.46 29.13 -19.57
CA VAL A 29 -4.31 28.84 -18.42
C VAL A 29 -4.71 27.37 -18.47
N ALA A 30 -4.49 26.69 -17.36
CA ALA A 30 -4.76 25.26 -17.23
C ALA A 30 -6.00 25.09 -16.38
N ASP A 31 -6.97 24.33 -16.88
CA ASP A 31 -8.25 24.27 -16.19
C ASP A 31 -8.12 23.32 -15.01
N TYR A 32 -7.62 23.89 -13.92
CA TYR A 32 -7.51 23.32 -12.59
C TYR A 32 -8.83 22.82 -12.05
N SER A 33 -9.91 23.42 -12.45
CA SER A 33 -11.26 23.15 -12.02
C SER A 33 -11.75 21.77 -12.41
N VAL A 34 -10.98 20.86 -13.01
CA VAL A 34 -11.37 19.47 -13.08
C VAL A 34 -10.41 18.55 -12.35
N LEU A 35 -9.16 18.98 -12.10
CA LEU A 35 -8.18 18.06 -11.55
C LEU A 35 -8.41 17.82 -10.07
N TYR A 36 -8.87 18.82 -9.34
CA TYR A 36 -9.31 18.55 -7.99
C TYR A 36 -10.82 18.40 -7.92
N ASN A 37 -11.42 18.41 -9.10
CA ASN A 37 -12.87 18.12 -9.14
C ASN A 37 -13.02 16.60 -9.31
N LEU A 38 -11.91 15.86 -9.35
CA LEU A 38 -12.05 14.39 -9.61
C LEU A 38 -12.01 13.65 -8.28
N ALA A 39 -12.82 14.09 -7.31
CA ALA A 39 -12.80 13.46 -5.98
C ALA A 39 -11.38 12.97 -5.74
N PRO A 40 -10.34 13.81 -5.92
CA PRO A 40 -8.96 13.38 -5.85
C PRO A 40 -8.87 11.87 -5.65
N PHE A 41 -9.34 11.10 -6.63
CA PHE A 41 -9.18 9.63 -6.53
C PHE A 41 -7.68 9.36 -6.47
N PHE A 42 -6.92 10.04 -7.31
CA PHE A 42 -5.45 9.90 -7.25
C PHE A 42 -4.99 10.40 -5.88
N THR A 43 -3.88 9.86 -5.38
CA THR A 43 -3.40 10.23 -4.05
C THR A 43 -2.68 11.57 -4.14
N PHE A 44 -3.17 12.53 -3.37
CA PHE A 44 -2.98 13.94 -3.66
C PHE A 44 -2.31 14.58 -2.44
N LYS A 45 -1.22 15.31 -2.65
CA LYS A 45 -0.42 15.75 -1.50
C LYS A 45 0.28 17.05 -1.83
N CYS A 46 -0.16 18.15 -1.21
CA CYS A 46 0.39 19.47 -1.49
C CYS A 46 1.21 19.97 -0.31
N TYR A 47 2.33 20.64 -0.63
CA TYR A 47 3.20 21.27 0.36
C TYR A 47 3.22 22.77 0.12
N GLY A 48 2.70 23.53 1.08
CA GLY A 48 2.67 24.96 1.00
C GLY A 48 1.51 25.53 0.21
N VAL A 49 1.24 25.02 -0.98
CA VAL A 49 0.10 25.45 -1.73
C VAL A 49 -1.11 24.72 -1.18
N SER A 50 -2.30 25.21 -1.48
CA SER A 50 -3.47 24.58 -0.92
C SER A 50 -4.43 24.25 -2.05
N PRO A 51 -5.19 23.16 -1.93
CA PRO A 51 -6.14 22.78 -2.99
C PRO A 51 -7.28 23.77 -3.24
N THR A 52 -7.46 24.77 -2.39
CA THR A 52 -8.49 25.77 -2.60
C THR A 52 -7.96 27.06 -3.22
N LYS A 53 -6.69 27.13 -3.60
CA LYS A 53 -6.20 28.38 -4.15
C LYS A 53 -5.38 28.19 -5.42
N LEU A 54 -5.61 27.09 -6.13
CA LEU A 54 -4.95 26.91 -7.42
C LEU A 54 -5.45 27.89 -8.47
N ASN A 55 -6.75 28.22 -8.46
CA ASN A 55 -7.28 29.16 -9.45
C ASN A 55 -6.71 30.55 -9.26
N ASP A 56 -6.68 31.03 -8.03
CA ASP A 56 -6.29 32.40 -7.77
C ASP A 56 -4.86 32.54 -7.25
N LEU A 57 -3.93 32.20 -8.11
CA LEU A 57 -2.51 32.41 -7.84
C LEU A 57 -1.76 32.54 -9.15
N CYS A 58 -0.57 33.14 -9.15
CA CYS A 58 0.20 33.23 -10.37
C CYS A 58 1.65 32.86 -10.11
N PHE A 59 2.33 32.43 -11.17
CA PHE A 59 3.69 31.90 -11.06
C PHE A 59 4.59 32.36 -12.20
N THR A 60 5.87 32.48 -11.87
CA THR A 60 6.89 32.52 -12.89
C THR A 60 6.91 31.23 -13.69
N ASN A 61 6.86 30.09 -12.98
CA ASN A 61 7.16 28.80 -13.58
C ASN A 61 6.27 27.74 -12.97
N VAL A 62 5.93 26.74 -13.78
CA VAL A 62 5.35 25.48 -13.32
C VAL A 62 6.09 24.39 -14.06
N TYR A 63 7.10 23.82 -13.42
CA TYR A 63 7.73 22.64 -13.94
C TYR A 63 6.87 21.44 -13.54
N ALA A 64 6.54 20.58 -14.50
CA ALA A 64 5.72 19.40 -14.22
C ALA A 64 6.54 18.14 -14.47
N ASP A 65 6.85 17.43 -13.39
CA ASP A 65 7.67 16.24 -13.42
C ASP A 65 6.81 15.01 -13.71
N SER A 66 7.47 13.88 -13.95
CA SER A 66 6.77 12.61 -14.17
C SER A 66 7.76 11.47 -14.05
N PHE A 67 7.48 10.51 -13.18
CA PHE A 67 8.29 9.31 -13.10
C PHE A 67 7.45 8.17 -12.56
N VAL A 68 7.95 6.95 -12.74
CA VAL A 68 7.24 5.75 -12.34
C VAL A 68 8.10 5.04 -11.30
N ILE A 69 7.51 4.76 -10.14
CA ILE A 69 8.23 4.10 -9.06
C ILE A 69 7.37 3.01 -8.44
N ARG A 70 8.06 2.09 -7.76
CA ARG A 70 7.50 1.00 -6.98
C ARG A 70 6.70 1.56 -5.79
N GLY A 71 5.85 0.71 -5.21
CA GLY A 71 4.85 1.17 -4.26
C GLY A 71 5.39 1.81 -3.01
N ASP A 72 6.39 1.18 -2.38
CA ASP A 72 6.86 1.71 -1.11
C ASP A 72 7.80 2.91 -1.27
N GLU A 73 8.01 3.36 -2.49
CA GLU A 73 8.99 4.39 -2.77
C GLU A 73 8.40 5.79 -2.78
N VAL A 74 7.09 5.93 -2.62
CA VAL A 74 6.44 7.24 -2.70
C VAL A 74 6.63 7.99 -1.39
N ARG A 75 7.23 7.33 -0.41
CA ARG A 75 7.67 8.01 0.80
C ARG A 75 8.78 9.00 0.47
N GLN A 76 9.54 8.73 -0.58
CA GLN A 76 10.75 9.49 -0.82
C GLN A 76 10.44 10.86 -1.37
N ILE A 77 9.39 10.99 -2.18
CA ILE A 77 9.23 12.16 -3.06
C ILE A 77 8.50 13.21 -2.23
N ALA A 78 9.26 13.90 -1.41
CA ALA A 78 8.88 14.96 -0.49
C ALA A 78 10.17 15.51 0.09
N PRO A 79 10.21 16.78 0.48
CA PRO A 79 11.41 17.31 1.12
C PRO A 79 11.66 16.69 2.47
N GLY A 80 12.95 16.59 2.81
CA GLY A 80 13.38 16.12 4.09
C GLY A 80 13.45 14.61 4.25
N GLN A 81 12.92 13.86 3.30
CA GLN A 81 12.89 12.41 3.43
C GLN A 81 14.08 11.83 2.69
N THR A 82 14.79 10.92 3.35
CA THR A 82 16.07 10.45 2.87
C THR A 82 16.03 8.96 2.56
N GLY A 83 17.06 8.52 1.87
CA GLY A 83 17.28 7.13 1.56
C GLY A 83 17.67 6.98 0.12
N ASN A 84 17.69 5.72 -0.31
CA ASN A 84 18.42 5.30 -1.51
C ASN A 84 17.89 5.96 -2.78
N ILE A 85 16.57 6.05 -2.89
CA ILE A 85 15.95 6.50 -4.11
C ILE A 85 16.12 8.00 -4.27
N ALA A 86 15.98 8.73 -3.16
CA ALA A 86 16.34 10.14 -3.16
C ALA A 86 17.83 10.32 -3.35
N ASP A 87 18.64 9.51 -2.67
CA ASP A 87 20.10 9.66 -2.74
C ASP A 87 20.67 9.32 -4.11
N TYR A 88 19.94 8.63 -4.95
CA TYR A 88 20.56 8.12 -6.15
C TYR A 88 19.74 8.34 -7.40
N ASN A 89 18.48 8.73 -7.29
CA ASN A 89 17.62 8.87 -8.46
C ASN A 89 16.91 10.20 -8.54
N TYR A 90 16.43 10.74 -7.42
CA TYR A 90 15.61 11.96 -7.47
C TYR A 90 15.62 12.62 -6.10
N LYS A 91 16.36 13.72 -5.97
CA LYS A 91 16.44 14.47 -4.72
C LYS A 91 15.52 15.68 -4.81
N LEU A 92 14.72 15.86 -3.83
CA LEU A 92 13.96 17.09 -3.77
C LEU A 92 14.64 18.08 -2.84
N PRO A 93 14.59 19.37 -3.14
CA PRO A 93 15.09 20.37 -2.19
C PRO A 93 14.12 20.55 -1.05
N ASP A 94 14.64 21.09 0.05
CA ASP A 94 13.83 21.24 1.25
C ASP A 94 12.78 22.33 1.11
N ASP A 95 13.11 23.40 0.40
CA ASP A 95 12.21 24.54 0.24
C ASP A 95 11.36 24.45 -1.03
N PHE A 96 11.29 23.26 -1.62
CA PHE A 96 10.30 23.00 -2.65
C PHE A 96 8.91 23.18 -2.06
N THR A 97 8.03 23.89 -2.77
CA THR A 97 6.75 24.28 -2.21
C THR A 97 5.66 24.05 -3.26
N GLY A 98 5.58 22.84 -3.78
CA GLY A 98 4.52 22.50 -4.70
C GLY A 98 3.57 21.41 -4.24
N CYS A 99 2.97 20.68 -5.17
CA CYS A 99 2.00 19.64 -4.83
C CYS A 99 2.32 18.37 -5.61
N VAL A 100 2.15 17.22 -4.94
CA VAL A 100 2.53 15.93 -5.48
C VAL A 100 1.30 15.06 -5.63
N ILE A 101 1.17 14.43 -6.80
CA ILE A 101 0.09 13.50 -7.07
C ILE A 101 0.70 12.16 -7.47
N ALA A 102 0.08 11.07 -7.02
CA ALA A 102 0.50 9.75 -7.44
C ALA A 102 -0.73 8.86 -7.48
N TRP A 103 -0.71 7.87 -8.36
CA TRP A 103 -1.82 6.95 -8.43
C TRP A 103 -1.32 5.62 -8.93
N ASN A 104 -2.09 4.57 -8.66
CA ASN A 104 -1.58 3.24 -8.95
C ASN A 104 -1.87 2.89 -10.39
N SER A 105 -0.93 2.17 -10.98
CA SER A 105 -1.09 1.68 -12.35
C SER A 105 -0.61 0.24 -12.38
N ASN A 106 -1.48 -0.68 -12.02
CA ASN A 106 -1.27 -2.07 -12.40
C ASN A 106 -1.79 -2.31 -13.79
N LYS A 107 -2.74 -1.49 -14.23
CA LYS A 107 -3.03 -1.35 -15.64
C LYS A 107 -1.87 -0.60 -16.30
N LEU A 108 -1.58 -0.97 -17.55
CA LEU A 108 -0.63 -0.33 -18.45
C LEU A 108 0.82 -0.38 -18.01
N ASP A 109 1.14 -0.93 -16.83
CA ASP A 109 2.53 -1.05 -16.39
C ASP A 109 2.83 -2.46 -15.90
N SER A 110 2.06 -3.45 -16.35
CA SER A 110 2.20 -4.78 -15.76
C SER A 110 1.65 -5.84 -16.70
N LYS A 111 2.51 -6.76 -17.11
CA LYS A 111 2.10 -8.04 -17.68
C LYS A 111 2.28 -9.10 -16.60
N VAL A 112 1.89 -10.34 -16.92
CA VAL A 112 2.02 -11.40 -15.93
C VAL A 112 3.49 -11.80 -15.76
N SER A 113 4.34 -11.48 -16.73
CA SER A 113 5.76 -11.52 -16.48
C SER A 113 6.27 -10.21 -15.88
N GLY A 114 5.46 -9.16 -15.86
CA GLY A 114 5.87 -7.88 -15.32
C GLY A 114 6.75 -7.10 -16.27
N ASN A 115 6.55 -5.79 -16.37
CA ASN A 115 7.39 -5.01 -17.25
C ASN A 115 8.72 -4.75 -16.58
N TYR A 116 9.80 -5.16 -17.22
CA TYR A 116 11.14 -4.89 -16.77
C TYR A 116 11.70 -3.64 -17.42
N ASN A 117 10.84 -2.84 -18.05
CA ASN A 117 11.27 -1.67 -18.81
C ASN A 117 11.46 -0.45 -17.91
N TYR A 118 11.20 -0.58 -16.62
CA TYR A 118 11.31 0.53 -15.69
C TYR A 118 12.53 0.34 -14.81
N LEU A 119 13.43 1.31 -14.84
CA LEU A 119 14.75 1.18 -14.26
C LEU A 119 14.89 2.04 -13.01
N TYR A 120 16.00 1.85 -12.31
CA TYR A 120 16.32 2.61 -11.12
C TYR A 120 17.81 2.46 -10.84
N ARG A 121 18.45 3.56 -10.48
CA ARG A 121 19.88 3.59 -10.22
C ARG A 121 20.15 3.31 -8.76
N LEU A 122 20.95 2.29 -8.50
CA LEU A 122 21.33 1.97 -7.14
C LEU A 122 22.45 2.85 -6.62
N PHE A 123 23.37 3.27 -7.49
CA PHE A 123 24.66 3.69 -6.97
C PHE A 123 25.26 4.81 -7.80
N ARG A 124 26.09 5.60 -7.12
CA ARG A 124 26.70 6.84 -7.58
C ARG A 124 27.65 7.24 -6.48
N LYS A 125 28.62 8.09 -6.82
CA LYS A 125 29.67 8.42 -5.87
C LYS A 125 29.17 9.34 -4.75
N SER A 126 28.11 10.10 -4.97
CA SER A 126 27.63 11.06 -3.98
C SER A 126 26.12 11.12 -4.02
N ASN A 127 25.54 11.66 -2.96
CA ASN A 127 24.12 11.95 -2.94
C ASN A 127 23.83 13.14 -3.84
N LEU A 128 22.61 13.17 -4.37
CA LEU A 128 22.27 14.16 -5.37
C LEU A 128 22.14 15.56 -4.80
N LYS A 129 22.68 16.52 -5.54
CA LYS A 129 22.14 17.86 -5.56
C LYS A 129 20.68 17.77 -6.00
N PRO A 130 19.76 18.49 -5.34
CA PRO A 130 18.35 18.36 -5.69
C PRO A 130 18.03 18.82 -7.10
N PHE A 131 17.02 18.16 -7.68
CA PHE A 131 16.49 18.41 -9.03
C PHE A 131 17.55 18.24 -10.12
N GLU A 132 18.54 17.38 -9.90
CA GLU A 132 19.53 17.10 -10.92
C GLU A 132 19.13 15.82 -11.64
N ARG A 133 18.63 15.96 -12.86
CA ARG A 133 18.35 14.80 -13.69
C ARG A 133 19.67 14.17 -14.11
N ASP A 134 19.79 12.86 -13.87
CA ASP A 134 21.03 12.15 -14.12
C ASP A 134 20.75 11.02 -15.09
N ILE A 135 21.23 11.17 -16.33
CA ILE A 135 21.13 10.13 -17.33
C ILE A 135 22.46 9.37 -17.41
N SER A 136 23.29 9.52 -16.38
CA SER A 136 24.62 8.94 -16.40
C SER A 136 24.52 7.43 -16.20
N THR A 137 25.18 6.68 -17.07
CA THR A 137 25.14 5.22 -17.07
C THR A 137 26.54 4.64 -17.18
N GLU A 138 27.47 5.16 -16.40
CA GLU A 138 28.79 4.57 -16.37
C GLU A 138 28.81 3.39 -15.41
N ILE A 139 29.95 2.71 -15.32
CA ILE A 139 30.07 1.48 -14.56
C ILE A 139 30.68 1.81 -13.20
N TYR A 140 29.83 1.72 -12.17
CA TYR A 140 30.13 2.27 -10.85
C TYR A 140 31.19 1.44 -10.13
N GLN A 141 32.14 2.14 -9.50
CA GLN A 141 33.12 1.51 -8.63
C GLN A 141 33.09 2.20 -7.29
N ALA A 142 33.39 1.46 -6.24
CA ALA A 142 33.51 2.03 -4.91
C ALA A 142 34.64 1.37 -4.14
N GLY A 143 35.58 0.74 -4.84
CA GLY A 143 36.62 -0.02 -4.19
C GLY A 143 38.03 0.46 -4.43
N ASN A 144 39.02 -0.37 -4.08
CA ASN A 144 40.42 0.02 -4.26
C ASN A 144 40.85 -0.09 -5.72
N LYS A 145 40.22 -0.95 -6.50
CA LYS A 145 40.65 -1.23 -7.87
C LYS A 145 39.52 -0.95 -8.84
N PRO A 146 39.40 0.29 -9.34
CA PRO A 146 38.43 0.57 -10.40
C PRO A 146 38.95 0.11 -11.75
N CYS A 147 38.40 -0.99 -12.26
CA CYS A 147 38.81 -1.52 -13.55
C CYS A 147 38.01 -0.83 -14.65
N ASN A 148 38.18 -1.28 -15.89
CA ASN A 148 37.53 -0.62 -17.02
C ASN A 148 36.06 -1.04 -17.11
N GLY A 149 35.82 -2.33 -17.34
CA GLY A 149 34.45 -2.81 -17.48
C GLY A 149 34.24 -4.22 -17.00
N VAL A 150 35.21 -4.78 -16.29
CA VAL A 150 35.15 -6.17 -15.87
C VAL A 150 34.19 -6.28 -14.68
N ALA A 151 33.01 -6.86 -14.93
CA ALA A 151 31.97 -6.94 -13.93
C ALA A 151 32.32 -7.96 -12.84
N GLY A 152 31.74 -7.78 -11.67
CA GLY A 152 32.05 -8.62 -10.52
C GLY A 152 32.85 -7.80 -9.53
N PHE A 153 32.42 -7.86 -8.26
CA PHE A 153 33.00 -7.11 -7.14
C PHE A 153 32.96 -5.59 -7.39
N ASN A 154 31.74 -5.05 -7.40
CA ASN A 154 31.45 -3.62 -7.37
C ASN A 154 31.93 -2.95 -8.67
N CYS A 155 31.39 -3.48 -9.76
CA CYS A 155 31.62 -2.94 -11.08
C CYS A 155 30.32 -2.99 -11.87
N TYR A 156 29.26 -2.49 -11.26
CA TYR A 156 27.92 -2.82 -11.73
C TYR A 156 27.46 -1.80 -12.76
N PHE A 157 26.52 -2.23 -13.57
CA PHE A 157 25.68 -1.34 -14.36
C PHE A 157 24.57 -0.90 -13.43
N PRO A 158 24.67 0.29 -12.81
CA PRO A 158 23.87 0.57 -11.62
C PRO A 158 22.40 0.78 -11.89
N LEU A 159 22.02 0.90 -13.16
CA LEU A 159 20.62 1.09 -13.54
C LEU A 159 19.93 -0.27 -13.68
N ARG A 160 19.72 -0.90 -12.54
CA ARG A 160 18.97 -2.15 -12.53
C ARG A 160 17.50 -1.87 -12.77
N SER A 161 16.75 -2.92 -13.07
CA SER A 161 15.38 -2.84 -13.51
C SER A 161 14.45 -3.47 -12.49
N TYR A 162 13.34 -2.79 -12.23
CA TYR A 162 12.30 -3.34 -11.38
C TYR A 162 11.60 -4.49 -12.09
N SER A 163 10.88 -5.28 -11.31
CA SER A 163 9.85 -6.16 -11.83
C SER A 163 8.52 -5.65 -11.33
N PHE A 164 7.49 -5.75 -12.16
CA PHE A 164 6.20 -5.19 -11.84
C PHE A 164 5.07 -6.16 -12.19
N ARG A 165 5.20 -7.41 -11.76
CA ARG A 165 4.13 -8.39 -11.97
C ARG A 165 2.94 -8.06 -11.06
N PRO A 166 1.70 -8.20 -11.54
CA PRO A 166 0.55 -7.70 -10.77
C PRO A 166 0.17 -8.59 -9.61
N THR A 167 0.90 -9.67 -9.38
CA THR A 167 0.73 -10.44 -8.16
C THR A 167 1.52 -9.84 -7.01
N TYR A 168 2.26 -8.78 -7.24
CA TYR A 168 3.05 -8.18 -6.19
C TYR A 168 2.16 -7.48 -5.16
N GLY A 169 2.78 -7.14 -4.04
CA GLY A 169 2.09 -6.36 -3.04
C GLY A 169 1.93 -4.92 -3.47
N VAL A 170 1.12 -4.21 -2.70
CA VAL A 170 0.86 -2.80 -2.98
C VAL A 170 2.13 -1.99 -2.75
N GLY A 171 2.94 -2.36 -1.77
CA GLY A 171 4.23 -1.73 -1.60
C GLY A 171 5.22 -1.99 -2.71
N HIS A 172 4.92 -2.94 -3.60
CA HIS A 172 5.77 -3.25 -4.73
C HIS A 172 5.15 -2.89 -6.07
N GLN A 173 3.87 -2.54 -6.09
CA GLN A 173 3.17 -2.28 -7.34
C GLN A 173 3.69 -1.00 -8.00
N PRO A 174 3.57 -0.88 -9.32
CA PRO A 174 4.05 0.33 -9.99
C PRO A 174 3.10 1.51 -9.85
N TYR A 175 3.64 2.60 -9.33
CA TYR A 175 2.92 3.84 -9.06
C TYR A 175 3.28 4.90 -10.09
N ARG A 176 2.26 5.59 -10.59
CA ARG A 176 2.40 6.58 -11.63
C ARG A 176 2.43 7.94 -10.94
N VAL A 177 3.62 8.53 -10.82
CA VAL A 177 3.85 9.64 -9.90
C VAL A 177 4.19 10.89 -10.69
N VAL A 178 3.55 12.00 -10.34
CA VAL A 178 3.73 13.30 -10.97
C VAL A 178 3.93 14.35 -9.89
N VAL A 179 4.98 15.15 -10.01
CA VAL A 179 5.22 16.27 -9.12
C VAL A 179 4.81 17.54 -9.85
N LEU A 180 3.84 18.26 -9.31
CA LEU A 180 3.53 19.58 -9.86
C LEU A 180 4.39 20.59 -9.13
N SER A 181 5.55 20.88 -9.71
CA SER A 181 6.46 21.84 -9.14
C SER A 181 6.19 23.21 -9.72
N PHE A 182 6.77 24.22 -9.08
CA PHE A 182 6.40 25.59 -9.37
C PHE A 182 7.58 26.54 -9.43
N ALA A 189 6.18 34.90 -16.92
CA ALA A 189 5.70 34.77 -15.55
C ALA A 189 4.19 34.91 -15.49
N THR A 190 3.48 33.96 -16.09
CA THR A 190 2.15 34.21 -16.60
C THR A 190 1.01 33.43 -15.96
N VAL A 191 1.20 32.19 -15.52
CA VAL A 191 0.09 31.24 -15.42
C VAL A 191 -0.79 31.49 -14.19
N CYS A 192 -2.07 31.71 -14.44
CA CYS A 192 -3.08 32.03 -13.42
C CYS A 192 -4.34 31.16 -13.66
N GLY A 193 -5.49 31.57 -13.11
CA GLY A 193 -6.78 30.94 -13.43
C GLY A 193 -7.97 31.87 -13.66
N GLN B 20 -14.90 8.50 10.62
CA GLN B 20 -16.01 8.80 9.72
C GLN B 20 -16.15 7.72 8.64
N ILE B 21 -15.10 6.93 8.45
CA ILE B 21 -15.17 5.77 7.57
C ILE B 21 -15.84 4.61 8.31
N THR B 22 -16.78 3.96 7.65
CA THR B 22 -17.57 2.92 8.29
C THR B 22 -17.91 1.85 7.28
N LEU B 23 -17.70 0.60 7.66
CA LEU B 23 -18.07 -0.55 6.85
C LEU B 23 -19.34 -1.15 7.46
N LYS B 24 -20.46 -1.03 6.76
CA LYS B 24 -21.70 -1.62 7.21
C LYS B 24 -21.94 -2.85 6.36
N GLU B 25 -22.18 -3.99 7.00
CA GLU B 25 -22.35 -5.25 6.30
C GLU B 25 -23.66 -5.90 6.73
N SER B 26 -24.21 -6.72 5.83
CA SER B 26 -25.48 -7.34 6.08
C SER B 26 -25.59 -8.60 5.22
N GLY B 27 -26.67 -9.33 5.42
CA GLY B 27 -26.93 -10.53 4.67
C GLY B 27 -27.67 -11.55 5.50
N PRO B 28 -28.05 -12.66 4.87
CA PRO B 28 -28.68 -13.75 5.62
C PRO B 28 -27.65 -14.50 6.44
N THR B 29 -28.08 -14.96 7.63
CA THR B 29 -27.22 -15.73 8.50
C THR B 29 -27.77 -17.10 8.83
N LEU B 30 -29.08 -17.32 8.70
CA LEU B 30 -29.71 -18.61 9.01
C LEU B 30 -29.86 -19.36 7.69
N VAL B 31 -28.80 -20.04 7.27
CA VAL B 31 -28.70 -20.61 5.93
C VAL B 31 -28.42 -22.10 6.05
N LYS B 32 -29.17 -22.90 5.30
CA LYS B 32 -28.95 -24.34 5.23
C LYS B 32 -27.61 -24.63 4.55
N PRO B 33 -26.99 -25.79 4.83
CA PRO B 33 -25.73 -26.11 4.18
C PRO B 33 -25.91 -26.50 2.72
N LYS B 34 -24.88 -26.18 1.93
CA LYS B 34 -24.52 -26.62 0.57
C LYS B 34 -25.20 -25.90 -0.59
N GLN B 35 -25.99 -24.85 -0.38
CA GLN B 35 -26.36 -24.00 -1.51
C GLN B 35 -25.45 -22.76 -1.54
N THR B 36 -25.84 -21.76 -2.31
CA THR B 36 -25.06 -20.56 -2.54
C THR B 36 -25.41 -19.51 -1.49
N LEU B 37 -24.41 -19.00 -0.79
CA LEU B 37 -24.58 -17.86 0.10
C LEU B 37 -24.03 -16.58 -0.54
N THR B 38 -24.89 -15.60 -0.71
CA THR B 38 -24.50 -14.27 -1.17
C THR B 38 -24.59 -13.31 0.00
N LEU B 39 -23.51 -12.60 0.27
CA LEU B 39 -23.47 -11.61 1.33
C LEU B 39 -23.07 -10.26 0.73
N THR B 40 -23.10 -9.24 1.58
CA THR B 40 -22.84 -7.89 1.10
C THR B 40 -22.30 -7.04 2.23
N CYS B 41 -21.71 -5.91 1.84
CA CYS B 41 -21.22 -4.93 2.80
C CYS B 41 -21.26 -3.56 2.14
N THR B 42 -22.03 -2.66 2.73
CA THR B 42 -22.17 -1.29 2.22
C THR B 42 -21.13 -0.42 2.92
N PHE B 43 -20.18 0.09 2.14
CA PHE B 43 -19.09 0.87 2.71
C PHE B 43 -19.42 2.36 2.70
N SER B 44 -19.00 3.05 3.76
CA SER B 44 -19.29 4.45 3.93
C SER B 44 -18.06 5.17 4.48
N GLY B 45 -18.03 6.48 4.25
CA GLY B 45 -16.91 7.29 4.64
C GLY B 45 -15.86 7.48 3.57
N PHE B 46 -15.99 6.83 2.43
CA PHE B 46 -15.03 6.90 1.33
C PHE B 46 -15.74 6.40 0.08
N SER B 47 -14.97 6.19 -1.00
CA SER B 47 -15.51 5.62 -2.21
C SER B 47 -14.53 4.61 -2.76
N LEU B 48 -15.05 3.62 -3.49
CA LEU B 48 -14.18 2.69 -4.18
C LEU B 48 -13.82 3.21 -5.58
N LYS B 49 -14.43 4.31 -6.00
CA LYS B 49 -13.96 5.02 -7.18
C LYS B 49 -12.56 5.60 -6.98
N LYS B 50 -12.16 5.81 -5.72
CA LYS B 50 -10.78 6.12 -5.36
C LYS B 50 -9.88 5.02 -5.87
N ASN B 51 -8.65 5.37 -6.26
CA ASN B 51 -7.69 4.31 -6.55
C ASN B 51 -6.54 4.33 -5.56
N GLY B 52 -5.97 3.15 -5.33
CA GLY B 52 -5.15 2.89 -4.18
C GLY B 52 -5.90 2.24 -3.04
N VAL B 53 -7.15 1.83 -3.26
CA VAL B 53 -7.99 1.34 -2.17
C VAL B 53 -8.52 -0.05 -2.50
N GLY B 54 -8.39 -0.96 -1.52
CA GLY B 54 -9.05 -2.23 -1.55
C GLY B 54 -10.03 -2.37 -0.40
N VAL B 55 -10.92 -3.34 -0.55
CA VAL B 55 -11.86 -3.69 0.52
C VAL B 55 -11.79 -5.20 0.70
N GLY B 56 -11.69 -5.66 1.95
CA GLY B 56 -11.39 -7.03 2.24
C GLY B 56 -12.60 -7.89 2.61
N TRP B 57 -12.30 -9.16 2.85
CA TRP B 57 -13.24 -10.11 3.46
C TRP B 57 -12.45 -11.11 4.28
N ILE B 58 -12.84 -11.32 5.53
CA ILE B 58 -12.02 -12.04 6.50
C ILE B 58 -12.84 -13.13 7.20
N ARG B 59 -12.37 -14.38 7.13
CA ARG B 59 -12.90 -15.50 7.89
C ARG B 59 -12.65 -15.28 9.38
N GLN B 60 -13.59 -15.73 10.20
CA GLN B 60 -13.35 -15.88 11.64
C GLN B 60 -13.96 -17.16 12.17
N PRO B 61 -13.26 -18.29 12.06
CA PRO B 61 -13.66 -19.47 12.81
C PRO B 61 -13.42 -19.25 14.29
N PRO B 62 -14.48 -19.30 15.10
CA PRO B 62 -14.40 -18.82 16.49
C PRO B 62 -13.52 -19.72 17.34
N GLY B 63 -12.47 -19.11 17.89
CA GLY B 63 -11.49 -19.85 18.65
C GLY B 63 -10.44 -20.56 17.84
N LYS B 64 -10.31 -20.26 16.55
CA LYS B 64 -9.31 -20.91 15.72
C LYS B 64 -8.25 -19.97 15.19
N ALA B 65 -8.63 -19.01 14.33
CA ALA B 65 -7.73 -18.08 13.64
C ALA B 65 -8.60 -17.09 12.88
N LEU B 66 -7.97 -16.22 12.09
CA LEU B 66 -8.64 -15.51 11.00
C LEU B 66 -8.02 -15.97 9.69
N GLU B 67 -8.84 -16.03 8.64
CA GLU B 67 -8.31 -16.19 7.30
C GLU B 67 -8.88 -15.09 6.43
N TRP B 68 -8.13 -14.74 5.40
CA TRP B 68 -8.53 -13.69 4.49
C TRP B 68 -9.19 -14.33 3.29
N LEU B 69 -10.28 -13.73 2.82
CA LEU B 69 -10.97 -14.24 1.63
C LEU B 69 -10.55 -13.55 0.35
N ALA B 70 -10.84 -12.26 0.23
CA ALA B 70 -10.79 -11.65 -1.08
C ALA B 70 -10.60 -10.16 -0.93
N LEU B 71 -10.07 -9.55 -1.99
CA LEU B 71 -9.96 -8.11 -2.12
C LEU B 71 -10.62 -7.70 -3.41
N ILE B 72 -11.47 -6.69 -3.34
CA ILE B 72 -11.88 -5.96 -4.53
C ILE B 72 -10.99 -4.74 -4.64
N TYR B 73 -10.32 -4.59 -5.76
CA TYR B 73 -9.66 -3.33 -6.05
C TYR B 73 -10.53 -2.52 -7.00
N TRP B 74 -10.19 -1.24 -7.13
CA TRP B 74 -11.03 -0.26 -7.82
C TRP B 74 -11.23 -0.59 -9.29
N ASP B 75 -10.24 -1.21 -9.92
CA ASP B 75 -10.29 -1.57 -11.32
C ASP B 75 -10.71 -3.02 -11.53
N ASP B 76 -11.49 -3.55 -10.58
CA ASP B 76 -11.93 -4.96 -10.54
C ASP B 76 -10.74 -5.93 -10.54
N SER B 77 -9.67 -5.57 -9.85
CA SER B 77 -8.55 -6.47 -9.72
C SER B 77 -8.91 -7.57 -8.72
N LYS B 78 -8.68 -8.81 -9.12
CA LYS B 78 -9.36 -9.94 -8.52
C LYS B 78 -8.36 -10.75 -7.71
N ARG B 79 -8.63 -10.92 -6.41
CA ARG B 79 -7.78 -11.70 -5.52
C ARG B 79 -8.61 -12.65 -4.68
N TYR B 80 -8.12 -13.87 -4.46
CA TYR B 80 -8.81 -14.82 -3.59
C TYR B 80 -7.79 -15.57 -2.75
N ASN B 81 -8.26 -16.20 -1.70
CA ASN B 81 -7.40 -17.05 -0.91
C ASN B 81 -7.11 -18.30 -1.73
N PRO B 82 -5.83 -18.71 -1.84
CA PRO B 82 -5.48 -19.89 -2.65
C PRO B 82 -6.12 -21.19 -2.20
N SER B 83 -6.59 -21.27 -0.96
CA SER B 83 -7.43 -22.40 -0.57
C SER B 83 -8.76 -22.38 -1.31
N LEU B 84 -9.32 -21.19 -1.53
CA LEU B 84 -10.67 -21.08 -2.11
C LEU B 84 -10.64 -20.27 -3.40
N LYS B 85 -10.53 -20.96 -4.53
CA LYS B 85 -10.66 -20.29 -5.82
C LYS B 85 -12.08 -20.34 -6.36
N THR B 86 -12.59 -21.55 -6.61
CA THR B 86 -13.86 -21.66 -7.33
C THR B 86 -15.05 -21.33 -6.44
N ARG B 87 -14.94 -21.54 -5.14
CA ARG B 87 -16.10 -21.29 -4.30
C ARG B 87 -16.24 -19.82 -3.92
N LEU B 88 -15.24 -18.99 -4.22
CA LEU B 88 -15.32 -17.57 -3.95
C LEU B 88 -15.16 -16.79 -5.25
N THR B 89 -16.20 -16.06 -5.63
CA THR B 89 -16.10 -14.99 -6.60
C THR B 89 -16.75 -13.75 -6.02
N ILE B 90 -16.23 -12.59 -6.41
CA ILE B 90 -16.42 -11.36 -5.67
C ILE B 90 -16.74 -10.22 -6.62
N THR B 91 -17.58 -9.29 -6.16
CA THR B 91 -18.00 -8.15 -6.97
C THR B 91 -18.20 -6.96 -6.02
N GLY B 92 -17.87 -5.77 -6.50
CA GLY B 92 -18.16 -4.57 -5.73
C GLY B 92 -18.87 -3.51 -6.55
N ASP B 93 -20.07 -3.13 -6.15
CA ASP B 93 -20.86 -2.14 -6.88
C ASP B 93 -20.62 -0.79 -6.21
N THR B 94 -19.72 0.00 -6.82
CA THR B 94 -19.40 1.31 -6.27
C THR B 94 -20.57 2.27 -6.41
N SER B 95 -21.36 2.12 -7.47
CA SER B 95 -22.53 2.95 -7.69
C SER B 95 -23.56 2.74 -6.59
N LYS B 96 -23.75 1.50 -6.16
CA LYS B 96 -24.63 1.20 -5.06
C LYS B 96 -23.94 1.33 -3.71
N ASN B 97 -22.68 1.79 -3.71
CA ASN B 97 -21.87 2.03 -2.51
C ASN B 97 -21.75 0.77 -1.65
N GLN B 98 -21.54 -0.37 -2.29
CA GLN B 98 -21.46 -1.62 -1.54
C GLN B 98 -20.56 -2.60 -2.26
N VAL B 99 -20.04 -3.54 -1.49
CA VAL B 99 -19.33 -4.69 -2.02
C VAL B 99 -20.11 -5.94 -1.62
N VAL B 100 -20.26 -6.86 -2.56
CA VAL B 100 -21.14 -8.02 -2.37
C VAL B 100 -20.29 -9.28 -2.43
N LEU B 101 -20.45 -10.13 -1.42
CA LEU B 101 -19.67 -11.35 -1.30
C LEU B 101 -20.52 -12.54 -1.70
N THR B 102 -20.01 -13.35 -2.62
CA THR B 102 -20.72 -14.51 -3.14
C THR B 102 -19.91 -15.78 -2.92
N LEU B 103 -20.58 -16.84 -2.45
CA LEU B 103 -19.91 -18.09 -2.14
C LEU B 103 -20.92 -19.24 -2.08
N THR B 104 -20.50 -20.40 -2.61
CA THR B 104 -21.38 -21.52 -2.89
C THR B 104 -20.96 -22.76 -2.11
N ASN B 105 -21.93 -23.67 -1.93
CA ASN B 105 -21.72 -25.04 -1.43
C ASN B 105 -21.07 -25.04 -0.05
N VAL B 106 -21.84 -24.57 0.91
CA VAL B 106 -21.28 -23.98 2.11
C VAL B 106 -21.32 -25.00 3.24
N ASP B 107 -20.15 -25.25 3.85
CA ASP B 107 -19.88 -26.25 4.88
C ASP B 107 -20.17 -25.67 6.26
N PRO B 108 -20.43 -26.52 7.26
CA PRO B 108 -20.44 -26.03 8.65
C PRO B 108 -19.11 -25.49 9.14
N VAL B 109 -17.97 -25.79 8.50
CA VAL B 109 -16.74 -25.13 8.89
C VAL B 109 -16.77 -23.67 8.47
N ASP B 110 -17.56 -23.34 7.45
CA ASP B 110 -17.70 -21.97 6.97
C ASP B 110 -18.62 -21.13 7.85
N THR B 111 -19.24 -21.73 8.86
CA THR B 111 -19.84 -20.96 9.94
C THR B 111 -18.76 -20.14 10.64
N ALA B 112 -18.92 -18.83 10.60
CA ALA B 112 -17.90 -17.90 11.06
C ALA B 112 -18.54 -16.56 11.35
N THR B 113 -17.72 -15.52 11.46
CA THR B 113 -18.18 -14.14 11.39
C THR B 113 -17.35 -13.43 10.34
N TYR B 114 -18.00 -12.82 9.36
CA TYR B 114 -17.29 -12.22 8.24
C TYR B 114 -17.15 -10.72 8.37
N PHE B 115 -15.98 -10.25 7.99
CA PHE B 115 -15.53 -8.87 8.21
C PHE B 115 -15.24 -8.27 6.85
N CYS B 116 -16.06 -7.35 6.41
CA CYS B 116 -15.64 -6.46 5.35
C CYS B 116 -14.79 -5.36 5.97
N ALA B 117 -13.67 -5.06 5.36
CA ALA B 117 -12.72 -4.14 5.96
C ALA B 117 -12.00 -3.36 4.89
N HIS B 118 -11.49 -2.20 5.27
CA HIS B 118 -10.99 -1.19 4.36
C HIS B 118 -9.47 -1.28 4.28
N ARG B 119 -8.94 -1.41 3.08
CA ARG B 119 -7.50 -1.60 2.88
C ARG B 119 -6.92 -0.50 2.01
N PRO B 120 -6.46 0.58 2.61
CA PRO B 120 -5.88 1.67 1.81
C PRO B 120 -4.39 1.51 1.63
N ASP B 121 -3.77 2.51 1.00
CA ASP B 121 -2.32 2.66 1.06
C ASP B 121 -1.90 4.12 1.14
N LEU B 122 -2.79 4.98 1.62
CA LEU B 122 -2.54 6.42 1.57
C LEU B 122 -1.55 6.82 2.65
N ASP B 123 -1.99 6.81 3.92
CA ASP B 123 -1.23 7.30 5.07
C ASP B 123 -0.68 8.69 4.77
N SER B 124 -1.55 9.70 4.82
CA SER B 124 -1.47 11.01 4.15
C SER B 124 -0.10 11.66 4.01
N ASP B 125 0.84 11.35 4.90
CA ASP B 125 2.25 11.62 4.65
C ASP B 125 2.93 10.58 3.74
N LEU B 126 2.12 9.78 3.06
CA LEU B 126 2.51 8.89 1.94
C LEU B 126 3.54 7.86 2.36
N ILE B 127 3.07 6.93 3.19
CA ILE B 127 3.71 5.63 3.38
C ILE B 127 2.66 4.59 3.01
N VAL B 128 3.10 3.52 2.34
CA VAL B 128 2.21 2.43 1.96
C VAL B 128 1.61 1.79 3.20
N VAL B 129 0.29 1.59 3.20
CA VAL B 129 -0.35 0.92 4.32
C VAL B 129 -0.36 -0.58 4.09
N ASP B 130 -1.03 -1.01 3.01
CA ASP B 130 -1.21 -2.41 2.64
C ASP B 130 -1.82 -3.22 3.77
N ALA B 131 -2.84 -2.66 4.41
CA ALA B 131 -3.35 -3.26 5.63
C ALA B 131 -4.80 -2.86 5.82
N PHE B 132 -5.48 -3.57 6.69
CA PHE B 132 -6.85 -3.20 7.00
C PHE B 132 -6.86 -2.26 8.19
N ASP B 133 -7.27 -1.00 7.96
CA ASP B 133 -7.34 -0.01 9.02
C ASP B 133 -8.73 0.15 9.64
N MET B 134 -9.78 0.05 8.85
CA MET B 134 -11.14 0.10 9.35
C MET B 134 -11.85 -1.18 8.96
N TRP B 135 -12.71 -1.66 9.84
CA TRP B 135 -13.34 -2.95 9.69
C TRP B 135 -14.85 -2.80 9.86
N GLY B 136 -15.58 -3.77 9.35
CA GLY B 136 -16.96 -3.92 9.72
C GLY B 136 -17.11 -4.66 11.04
N GLN B 137 -18.31 -4.57 11.63
CA GLN B 137 -18.52 -5.21 12.91
C GLN B 137 -18.60 -6.72 12.79
N GLY B 138 -19.24 -7.22 11.75
CA GLY B 138 -19.29 -8.64 11.52
C GLY B 138 -20.70 -9.18 11.47
N THR B 139 -20.85 -10.31 10.80
CA THR B 139 -22.12 -11.03 10.74
C THR B 139 -21.88 -12.49 11.10
N MET B 140 -22.55 -12.94 12.16
CA MET B 140 -22.40 -14.31 12.66
C MET B 140 -23.11 -15.26 11.70
N VAL B 141 -22.37 -15.66 10.66
CA VAL B 141 -22.94 -16.52 9.63
C VAL B 141 -23.02 -17.96 10.15
N THR B 142 -24.19 -18.57 10.00
CA THR B 142 -24.49 -19.88 10.56
C THR B 142 -24.91 -20.83 9.43
N VAL B 143 -24.37 -22.03 9.45
CA VAL B 143 -24.58 -23.01 8.37
C VAL B 143 -25.19 -24.24 9.03
N SER B 144 -26.52 -24.34 8.98
CA SER B 144 -27.23 -25.50 9.53
C SER B 144 -28.64 -25.57 8.95
N LEU C 23 1.96 -18.55 6.90
CA LEU C 23 3.16 -18.12 7.61
C LEU C 23 3.47 -19.03 8.78
N THR C 24 4.10 -18.46 9.80
CA THR C 24 4.49 -19.21 10.98
C THR C 24 4.52 -18.25 12.16
N GLN C 25 3.80 -18.59 13.22
CA GLN C 25 3.65 -17.77 14.39
C GLN C 25 3.46 -18.66 15.60
N PRO C 26 4.15 -18.40 16.71
CA PRO C 26 3.93 -19.19 17.92
C PRO C 26 2.54 -18.98 18.46
N PRO C 27 1.94 -20.00 19.07
CA PRO C 27 0.52 -19.95 19.39
C PRO C 27 0.16 -19.02 20.52
N SER C 28 1.08 -18.76 21.45
CA SER C 28 0.76 -17.93 22.60
C SER C 28 2.05 -17.37 23.17
N ALA C 29 1.89 -16.41 24.07
CA ALA C 29 2.99 -15.87 24.85
C ALA C 29 2.42 -15.42 26.19
N SER C 30 3.31 -15.22 27.15
CA SER C 30 2.92 -14.88 28.51
C SER C 30 3.71 -13.70 29.02
N GLY C 31 3.14 -13.02 30.01
CA GLY C 31 3.83 -11.90 30.62
C GLY C 31 3.15 -11.32 31.83
N THR C 32 3.95 -10.95 32.83
CA THR C 32 3.42 -10.21 33.96
C THR C 32 3.10 -8.79 33.50
N PRO C 33 2.25 -8.08 34.22
CA PRO C 33 1.92 -6.71 33.81
C PRO C 33 3.07 -5.72 33.93
N GLY C 34 3.94 -5.70 32.92
CA GLY C 34 4.91 -4.63 32.83
C GLY C 34 6.28 -4.93 32.24
N GLN C 35 6.65 -6.19 32.03
CA GLN C 35 8.00 -6.44 31.55
C GLN C 35 8.04 -6.46 30.03
N ARG C 36 9.26 -6.40 29.50
CA ARG C 36 9.49 -6.41 28.06
C ARG C 36 9.17 -7.79 27.49
N VAL C 37 8.11 -7.88 26.69
CA VAL C 37 7.59 -9.15 26.19
C VAL C 37 7.73 -9.18 24.68
N THR C 38 8.33 -10.25 24.17
CA THR C 38 8.59 -10.39 22.74
C THR C 38 7.54 -11.25 22.04
N ILE C 39 7.17 -10.80 20.84
CA ILE C 39 6.33 -11.54 19.90
C ILE C 39 7.17 -11.79 18.66
N SER C 40 7.05 -12.98 18.09
CA SER C 40 7.79 -13.34 16.89
C SER C 40 6.83 -13.82 15.81
N CYS C 41 7.26 -13.68 14.55
CA CYS C 41 6.52 -14.16 13.41
C CYS C 41 7.52 -14.48 12.31
N SER C 42 7.19 -15.45 11.46
CA SER C 42 8.09 -15.79 10.38
C SER C 42 7.31 -16.39 9.22
N GLY C 43 7.96 -16.40 8.06
CA GLY C 43 7.43 -17.06 6.87
C GLY C 43 8.53 -17.22 5.86
N SER C 44 8.17 -17.18 4.59
CA SER C 44 9.10 -17.46 3.50
C SER C 44 9.65 -16.16 2.93
N SER C 45 10.61 -16.29 2.03
CA SER C 45 11.24 -15.11 1.44
C SER C 45 10.36 -14.44 0.40
N SER C 46 9.30 -15.09 -0.07
CA SER C 46 8.43 -14.45 -1.06
C SER C 46 7.62 -13.32 -0.44
N ASN C 47 7.02 -13.54 0.72
CA ASN C 47 6.17 -12.55 1.35
C ASN C 47 6.85 -11.77 2.47
N ILE C 48 7.25 -12.42 3.56
CA ILE C 48 7.78 -11.65 4.67
C ILE C 48 9.22 -11.26 4.41
N GLY C 49 9.95 -12.08 3.65
CA GLY C 49 11.32 -11.76 3.31
C GLY C 49 11.43 -10.67 2.26
N ARG C 50 10.34 -10.36 1.56
CA ARG C 50 10.36 -9.30 0.58
C ARG C 50 9.41 -8.16 0.92
N ASN C 51 8.13 -8.45 1.11
CA ASN C 51 7.14 -7.40 1.31
C ASN C 51 7.20 -6.88 2.74
N THR C 52 6.19 -6.12 3.12
CA THR C 52 6.17 -5.40 4.39
C THR C 52 5.14 -6.00 5.33
N VAL C 53 5.38 -5.86 6.63
CA VAL C 53 4.65 -6.64 7.63
C VAL C 53 3.63 -5.78 8.35
N ASN C 54 2.55 -6.43 8.78
CA ASN C 54 1.43 -5.79 9.45
C ASN C 54 1.26 -6.45 10.82
N TRP C 55 0.49 -5.80 11.69
CA TRP C 55 0.13 -6.40 12.97
C TRP C 55 -1.28 -6.01 13.38
N TYR C 56 -1.90 -6.88 14.19
CA TYR C 56 -3.27 -6.67 14.63
C TYR C 56 -3.43 -7.10 16.07
N GLN C 57 -4.43 -6.54 16.73
CA GLN C 57 -4.83 -6.90 18.09
C GLN C 57 -6.30 -7.30 18.04
N HIS C 58 -6.62 -8.50 18.51
CA HIS C 58 -7.99 -9.00 18.45
C HIS C 58 -8.40 -9.54 19.81
N LEU C 59 -9.27 -8.81 20.49
CA LEU C 59 -9.91 -9.34 21.69
C LEU C 59 -10.87 -10.45 21.30
N PRO C 60 -11.02 -11.48 22.13
CA PRO C 60 -11.87 -12.63 21.77
C PRO C 60 -13.34 -12.24 21.72
N GLY C 61 -13.96 -12.48 20.57
CA GLY C 61 -15.37 -12.20 20.38
C GLY C 61 -15.67 -10.85 19.78
N THR C 62 -14.71 -9.94 19.75
CA THR C 62 -14.93 -8.60 19.24
C THR C 62 -14.16 -8.40 17.93
N VAL C 63 -14.20 -7.18 17.42
CA VAL C 63 -13.56 -6.83 16.15
C VAL C 63 -12.05 -6.67 16.35
N PRO C 64 -11.24 -7.13 15.41
CA PRO C 64 -9.81 -6.79 15.44
C PRO C 64 -9.58 -5.38 14.93
N LYS C 65 -8.35 -4.92 15.10
CA LYS C 65 -7.98 -3.59 14.67
C LYS C 65 -6.50 -3.58 14.34
N LEU C 66 -6.11 -2.64 13.48
CA LEU C 66 -4.72 -2.54 13.06
C LEU C 66 -3.88 -2.00 14.20
N LEU C 67 -2.68 -2.55 14.38
CA LEU C 67 -1.86 -1.98 15.44
C LEU C 67 -0.54 -1.48 14.89
N ILE C 68 0.14 -2.22 14.01
CA ILE C 68 1.20 -1.65 13.19
C ILE C 68 0.91 -2.04 11.74
N TYR C 69 0.92 -1.05 10.86
CA TYR C 69 1.03 -1.23 9.41
C TYR C 69 2.48 -1.42 8.98
N HIS C 70 2.83 -1.01 7.76
CA HIS C 70 4.01 -1.31 6.95
C HIS C 70 5.27 -1.77 7.67
N ASN C 71 5.74 -0.99 8.63
CA ASN C 71 6.57 -1.39 9.77
C ASN C 71 6.74 -0.18 10.66
N ASN C 72 6.81 -0.41 11.97
CA ASN C 72 7.30 0.54 12.96
C ASN C 72 6.49 1.84 13.03
N HIS C 73 5.34 1.91 12.36
CA HIS C 73 4.60 3.15 12.26
C HIS C 73 3.14 2.83 12.54
N ARG C 74 2.50 3.69 13.29
CA ARG C 74 1.19 3.36 13.81
C ARG C 74 0.19 4.44 13.43
N PRO C 75 -1.11 4.12 13.33
CA PRO C 75 -2.11 5.17 13.08
C PRO C 75 -2.51 5.84 14.37
N SER C 76 -3.51 6.71 14.29
CA SER C 76 -4.00 7.37 15.49
C SER C 76 -4.75 6.37 16.37
N GLY C 77 -4.44 6.39 17.66
CA GLY C 77 -5.05 5.49 18.61
C GLY C 77 -4.21 4.28 19.03
N VAL C 78 -2.90 4.32 18.83
CA VAL C 78 -2.04 3.18 19.13
C VAL C 78 -0.95 3.63 20.11
N PRO C 79 -0.65 2.86 21.16
CA PRO C 79 0.48 3.20 22.02
C PRO C 79 1.80 3.01 21.27
N GLY C 80 2.69 3.97 21.45
CA GLY C 80 3.95 3.98 20.73
C GLY C 80 5.03 3.09 21.29
N ARG C 81 4.73 2.35 22.35
CA ARG C 81 5.70 1.46 22.95
C ARG C 81 5.91 0.18 22.16
N PHE C 82 5.00 -0.15 21.25
CA PHE C 82 5.05 -1.42 20.54
C PHE C 82 5.59 -1.16 19.15
N SER C 83 6.65 -1.86 18.79
CA SER C 83 7.35 -1.61 17.53
C SER C 83 7.78 -2.93 16.92
N GLY C 84 8.10 -2.88 15.62
CA GLY C 84 8.41 -4.05 14.85
C GLY C 84 9.82 -4.01 14.28
N SER C 85 10.16 -5.09 13.57
CA SER C 85 11.42 -5.16 12.86
C SER C 85 11.30 -6.22 11.77
N LYS C 86 11.89 -5.94 10.62
CA LYS C 86 11.92 -6.88 9.50
C LYS C 86 13.36 -7.31 9.29
N SER C 87 13.78 -8.35 10.01
CA SER C 87 15.13 -8.89 9.86
C SER C 87 15.02 -10.06 8.90
N GLY C 88 14.94 -9.73 7.61
CA GLY C 88 14.71 -10.74 6.59
C GLY C 88 13.32 -11.32 6.65
N THR C 89 13.23 -12.56 7.11
CA THR C 89 11.97 -13.29 7.15
C THR C 89 11.28 -13.22 8.50
N SER C 90 11.70 -12.32 9.39
CA SER C 90 11.19 -12.27 10.74
C SER C 90 10.48 -10.94 10.97
N ALA C 91 9.25 -11.01 11.48
CA ALA C 91 8.54 -9.85 11.95
C ALA C 91 8.38 -9.95 13.47
N SER C 92 8.88 -8.95 14.18
CA SER C 92 9.04 -9.02 15.62
C SER C 92 8.28 -7.89 16.29
N LEU C 93 7.05 -8.14 16.66
CA LEU C 93 6.31 -7.23 17.51
C LEU C 93 6.88 -7.29 18.91
N ALA C 94 6.89 -6.14 19.58
CA ALA C 94 7.41 -6.03 20.93
C ALA C 94 6.33 -5.52 21.86
N ILE C 95 6.33 -6.03 23.09
CA ILE C 95 5.50 -5.49 24.16
C ILE C 95 6.42 -5.03 25.28
N SER C 96 6.33 -3.76 25.63
CA SER C 96 6.92 -3.27 26.87
C SER C 96 5.85 -2.44 27.58
N GLY C 97 5.83 -2.55 28.90
CA GLY C 97 4.77 -1.91 29.65
C GLY C 97 3.47 -2.65 29.42
N LEU C 98 3.35 -3.85 29.95
CA LEU C 98 2.11 -4.60 29.83
C LEU C 98 1.13 -4.15 30.90
N GLN C 99 -0.14 -4.05 30.52
CA GLN C 99 -1.20 -3.90 31.51
C GLN C 99 -2.47 -4.55 30.95
N SER C 100 -3.62 -4.23 31.55
CA SER C 100 -4.77 -5.12 31.57
C SER C 100 -5.51 -5.28 30.24
N GLU C 101 -5.51 -4.25 29.39
CA GLU C 101 -6.52 -4.23 28.33
C GLU C 101 -6.22 -5.17 27.17
N ASP C 102 -4.95 -5.55 26.98
CA ASP C 102 -4.52 -6.11 25.71
C ASP C 102 -4.45 -7.64 25.73
N GLU C 103 -5.38 -8.25 26.44
CA GLU C 103 -5.53 -9.69 26.54
C GLU C 103 -6.07 -10.19 25.19
N ALA C 104 -5.19 -10.26 24.20
CA ALA C 104 -5.72 -10.33 22.85
C ALA C 104 -4.81 -11.09 21.91
N ASP C 105 -5.42 -11.54 20.82
CA ASP C 105 -4.76 -12.36 19.82
C ASP C 105 -4.00 -11.47 18.84
N TYR C 106 -2.73 -11.76 18.63
CA TYR C 106 -1.86 -10.86 17.87
C TYR C 106 -1.47 -11.51 16.57
N TYR C 107 -1.75 -10.84 15.45
CA TYR C 107 -1.74 -11.48 14.16
C TYR C 107 -0.76 -10.75 13.26
N CYS C 108 0.08 -11.49 12.55
CA CYS C 108 0.94 -10.93 11.53
C CYS C 108 0.39 -11.29 10.16
N GLU C 109 0.22 -10.29 9.30
CA GLU C 109 -0.10 -10.62 7.92
C GLU C 109 0.91 -9.93 7.01
N THR C 110 0.98 -10.39 5.78
CA THR C 110 1.82 -9.84 4.73
C THR C 110 1.24 -10.32 3.41
N TRP C 111 1.25 -9.45 2.40
CA TRP C 111 0.90 -9.89 1.06
C TRP C 111 1.94 -10.87 0.55
N ASP C 112 1.49 -11.93 -0.12
CA ASP C 112 2.40 -12.90 -0.72
C ASP C 112 2.45 -12.72 -2.23
N ASP C 113 3.67 -12.84 -2.76
CA ASP C 113 3.86 -12.61 -4.18
C ASP C 113 3.41 -13.82 -4.99
N SER C 114 3.85 -15.02 -4.57
CA SER C 114 3.45 -16.24 -5.28
C SER C 114 2.01 -16.62 -4.98
N LEU C 115 1.60 -16.53 -3.71
CA LEU C 115 0.26 -16.97 -3.33
C LEU C 115 -0.79 -15.96 -3.76
N SER C 116 -0.37 -14.75 -4.15
CA SER C 116 -1.22 -13.71 -4.76
C SER C 116 -2.36 -13.28 -3.84
N GLY C 117 -2.05 -13.11 -2.57
CA GLY C 117 -3.08 -12.78 -1.61
C GLY C 117 -2.53 -12.36 -0.29
N VAL C 118 -3.38 -12.45 0.73
CA VAL C 118 -3.04 -12.03 2.08
C VAL C 118 -2.89 -13.28 2.93
N VAL C 119 -1.75 -13.42 3.60
CA VAL C 119 -1.47 -14.59 4.41
C VAL C 119 -1.35 -14.11 5.85
N PHE C 120 -2.27 -14.56 6.69
CA PHE C 120 -2.24 -14.20 8.10
C PHE C 120 -1.27 -15.09 8.86
N GLY C 121 -0.97 -14.69 10.09
CA GLY C 121 -0.22 -15.53 11.00
C GLY C 121 -1.13 -16.52 11.70
N ALA C 122 -0.56 -17.20 12.67
CA ALA C 122 -1.30 -18.22 13.39
C ALA C 122 -2.01 -17.70 14.63
N GLY C 123 -1.79 -16.44 15.00
CA GLY C 123 -2.35 -15.94 16.24
C GLY C 123 -1.43 -16.13 17.42
N THR C 124 -1.47 -15.19 18.36
CA THR C 124 -0.72 -15.31 19.60
C THR C 124 -1.45 -14.53 20.67
N ARG C 125 -1.93 -15.22 21.69
CA ARG C 125 -2.60 -14.58 22.80
C ARG C 125 -1.60 -14.29 23.90
N LEU C 126 -1.60 -13.05 24.37
CA LEU C 126 -0.70 -12.63 25.43
C LEU C 126 -1.47 -12.50 26.73
N THR C 127 -1.03 -13.22 27.74
CA THR C 127 -1.65 -13.14 29.06
C THR C 127 -0.97 -12.06 29.89
N VAL C 128 -1.74 -11.46 30.79
CA VAL C 128 -1.25 -10.40 31.65
C VAL C 128 -1.00 -10.93 33.06
#